data_2PCV
#
_entry.id   2PCV
#
_entity_poly.entity_id   1
_entity_poly.type   'polyribonucleotide'
_entity_poly.pdbx_seq_one_letter_code
;GGACCCGCCACUGCAGAGAUGCAAUCCAGUGGUCC
;
_entity_poly.pdbx_strand_id   A
#
loop_
_chem_comp.id
_chem_comp.type
_chem_comp.name
_chem_comp.formula
A RNA linking ADENOSINE-5'-MONOPHOSPHATE 'C10 H14 N5 O7 P'
C RNA linking CYTIDINE-5'-MONOPHOSPHATE 'C9 H14 N3 O8 P'
G RNA linking GUANOSINE-5'-MONOPHOSPHATE 'C10 H14 N5 O8 P'
U RNA linking URIDINE-5'-MONOPHOSPHATE 'C9 H13 N2 O9 P'
#